data_1NJP
#
_entry.id   1NJP
#
_cell.length_a   169.9
_cell.length_b   409.9
_cell.length_c   695.9
_cell.angle_alpha   90
_cell.angle_beta   90
_cell.angle_gamma   90
#
_symmetry.space_group_name_H-M   'I 2 2 2'
#
loop_
_entity.id
_entity.type
_entity.pdbx_description
1 polymer '23S ribosomal RNA'
2 polymer 'tRNA acceptor stem mimic'
3 polymer '50S ribosomal protein L16'
4 polymer 'GENERAL STRESS PROTEIN CTC'
#
loop_
_entity_poly.entity_id
_entity_poly.type
_entity_poly.pdbx_seq_one_letter_code
_entity_poly.pdbx_strand_id
1 'polyribonucleotide'
;GGUCAAGAUAGUAAGGGUCCACGGUGGAUGCCCUGGCGCUGGAGCCGAUGAAGGACGCGAUUACCUGCGAAAAGCCCCGA
CGAGCUGGAGAUACGCUUUGACUCGGGGAUGUCCGAAUGGGGAAACCCACCUCGUAAGAGGUAUCCGCAAGGAUGGGAAC
UCAGGGAACUGAAACAUCUCAGUACCUGAAGGAGAAGAAAGAGAAUUCGAUUCCGUUAGUAGCGGCGAGCGAACCCGGAU
CAGCCCAAACCGAAACGCUUGCGUUUCGGGGUUGUAGGACCAGUUUUUAAGAUUCAACCCCUCAAGCCGAAGUGGCUGGA
AAGCUACACCUCAGAAGGUGAGAGUCCUGUAGGCGAACGAGCGGUUGACUGUACUGGCACCUGAGUAGGUCGUUGUUCGU
GAAACGAUGACUGAAUCCGCGCGGACCACCGCGCAAGGCUAAAUACUCCCAGUGACCGAUAGCGCAUAGUACCGUGAGGG
AAAGGUGAAAAGAACCCCGGGAGGGGAGUGAAAGAGAACCUGAAACCGUGGACUUACAAGCAGUCAUGGCACCUUAUGCG
UGUUAUGGCGUGCCUAUUGAAGCAUGAGCCGGCGACUUAGACCUGACGUGCGAGCUUAAGUUGAAAAACGGAGGCGGAGC
GAAAGCGAGUCCGAAUAGGGCGGCAUUAGUACGUCGGGCUAGACUCGAAACCAGGUGAGCUAAGCAUGACCAGGUUGAAA
CCCCCGUGACAGGGGGCGGAGGACCGAACCGGUGCCUGCUGAAACAGUCUCGGAUGAGUUGUGUUUAGGAGUGAAAAGCU
AACCGAACCUGGAGAUAGCUAGUUCUCCCCGAAAUGUAUUGAGGUACAGCCUCGGAUGUUGACCAUGUCCUGUAGAGCAC
UCACAAGGCUAGGGGGCCUACCAGCUUACCAAACCUUAUGAAACUCCGAAGGGGCACGCGUUUAGUCCGGGAGUGAGGCU
GCGAGAGCUAACUUCCGUAGCCGAGAGGGAAACAACCCAGACCAUCAGCUAAGGUCCCUAAAUGAUCGCUCAGUGGUUAA
GGAUGUGUCGUCGCAUAGACAGCCAGGAGGUUGGCUUAGAAGCAGCCACCCUUCAAAGAGUGCGUAAUAGCUCACUGGUC
GAGUGACGAUGCGCCGAAAAUGAUCGGGGCUCAAGUGAUCUACCGAAGCUAUGGAUUCAACUCGCGAAGCGAGUUGUCUG
GUAGGGGAGCGUUCAGUCCGCGGAGAAGCCAUACCGGAAGGAGUGGUGGAGCCGACUGAAGUGCGGAUGCCGGCAUGAGU
AACGAUAAAAGAAGUGAGAAUCUUCUUCGCCGUAAGGACAAGGGUUCCUGGGGAAGGGUCGUCCGCCCAGGGAAAGUCGG
GACCUAAGGUGAGGCCGAACGGCGCAGCCGAUGGACAGCAGGUCAAGAUUCCUGCACCGAUCAUGUGGAGUGAUGGAGGG
ACGCAUUACGCUAUCCAAUGCCAAGCUAUGGCUAUGCUGGUUGGUACGCUCAAGGGCGAUCGGGUCAGAAAAUCUACCGG
UCACAUGCCUCAGACGUAUCGGGAGCUUCCUCGGAAGCGAAGUUGGAAACGCGACGGUGCCAAGAAAAGCUUCUAAACGU
UGAAACAUGAUUGCCCGUACCGCAAACCGACACAGGUGUCCGAGUGUCAAUGCACUAAGGCGCGCGAGAGAACCCUCGUU
AAGGAACUUUGCAAUCUCACCCCGUAACUUCGGAAGAAGGGGUCCCCACGCUUCGCGUGGGGCGCAGUGAAUAGGCCCAG
GCGACUGUUUACCAAAAUCACAGCACUCUGCCAACACGAACAGUGGACGUAUAGGGUGUGACGCCUGCCCGGUGCCGGAA
GGUCAAGUGGAGCGGUGCAAGCUGCGAAAUGAAGCCCCGGUGAACGGCGGCCGUAACUAUAACGGUCCUAAGGUAGCGAA
AUUCCUUGUCGGGUAAGUUCCGACCUGCACGAAAGGCGUAACGAUCUGGGCGCUGUCUCAACGAGGGACUCGGUGAAAUU
GAAUUGGCUGUAAAGAUGCGGCCUACCCGUAGCAGGACGAAAAGACCCCGUGGAGCUUUACUAUAGUCUGGCAUUGGGAU
UCGGGUUUCUCUGCGUAGGAUAGGUGGGAGCCUGCGAAACUGGCCUUUUGGGGUCGGUGGAGGCAACGGUGAAAUACCAC
CCUGAGAAACUUGGAUUUCUAACCUGAAAAAUCACUUUCGGGGACCGUGCUUGGCGGGUAGUUUGACUGGGGCGGUCGCC
UCCCAAAAUGUAACGGAGGCGCCCAAAGGUCACCUCAAGACGGUUGGAAAUCGUCUGUAGAGCGCAAAGGUAGAAGGUGG
CUUGACUGCGAGACUGACACGUCGAGCAGGGAGGAAACUCGGGCUUAGUGAACCGGUGGUACCGUGUGGAAGGGCCAUCG
AUCAACGGAUAAAAGUUACCCCGGGGAUAACAGGCUGAUCUCCCCCGAGAGUCCAUAUCGGCGGGGAGGUUUGGCACCUC
GAUGUCGGCUCGUCGCAUCCUGGGGCUGAAGAAGGUCCCAAGGGUUGGGCUGUUCGCCCAUUAAAGCGGCACGCGAGCUG
GGUUCAGAACGUCGUGAGACAGUUCGGUCUCUAUCCGCUACGGGCGCAGGAGAAUUGAGGGGAGUUGCUCCUAGUACGAG
AGGACCGGAGUGAACGGACCGCUGGUCUCCCUGCUGUCGUACCAACGGCACAUGCAGGGUAGCUAUGUCCGGAACGGAUA
ACCGCUGAAAGCAUCUAAGCGGGAAGCCAGCCCCAAGAUGAGUUCUCCCACUGUUUAUCAGGUAAGACUCCCGGAAGACC
ACCGGGUUAAGAGGCCAGGCGUGCACGCAUAGCAAUGUGUUCAGCGGACUGGUGCUCAUCAGUCGAGGUCUUGACCACUC
;
0
2 'polyribonucleotide' GGGGCUAAGCGGUUCGAUCCCGCUUAGCUCCACC(PPU) 5
3 'polypeptide(L)'
;MLLPKRTKFRKQFRGRMTGDAKGGDYVAFGDYGLIAMEPAWIKSNQIEACRIVMSRHFRRGGKIYIRIFPDKPVTKKPAE
TRMGKGKGAVEYWVSVVKPGRVMFEVAGVTEEQAKEAFRLAGHKLPIQTKMVKREVYDEAQ
;
K
4 'polypeptide(L)'
;MELTAKPRTPKQKLDESMIAAVAYNKENNVSFALDRKAFDRAFRQQSTTGLFDITVEGGETFPALVKAVQMDKRKRAPIH
VDFYMVTYGEPVEVSVPVHTTGRSQGEVQGGLVDIVVHNLQIVAPGPRRIPQELVVDVTKMNIGDHITAGDIKLPEGCTL
AADPELTVVSVLPPRLTAEELEAEVQAAQVAGLVAAGELSEEAAEAVLEGDASLEEVKAEASEDNAGTDSEDNSDAQ
;
T
#
# COMPACT_ATOMS: atom_id res chain seq x y z
CA THR C 7 6.00 -15.61 10.80
CA LYS C 8 4.71 -14.93 14.37
CA PHE C 9 6.42 -13.57 17.51
CA ARG C 10 8.95 -15.33 19.78
CA LYS C 11 7.34 -14.34 23.09
CA GLN C 12 3.53 -14.04 23.27
CA PHE C 13 0.49 -15.40 25.15
CA ARG C 14 -1.77 -18.11 23.67
CA GLY C 15 -5.49 -17.30 23.57
CA ARG C 16 -6.74 -14.04 21.96
CA MET C 17 -10.24 -12.68 21.27
CA THR C 18 -12.28 -13.84 18.26
CA GLY C 19 -14.41 -11.31 16.38
CA ASP C 20 -14.32 -9.33 13.13
CA ALA C 21 -14.92 -5.56 13.41
CA LYS C 22 -14.69 -2.46 11.20
CA GLY C 23 -11.58 -0.31 11.54
CA GLY C 24 -10.81 3.21 10.35
CA ASP C 25 -7.34 2.70 8.86
CA TYR C 26 -6.35 3.32 5.22
CA VAL C 27 -2.89 3.96 3.74
CA ALA C 28 -1.51 4.07 0.18
CA PHE C 29 2.22 4.84 0.73
CA GLY C 30 4.74 3.90 -1.99
CA ASP C 31 2.55 1.19 -3.53
CA TYR C 32 -0.14 0.84 -6.24
CA GLY C 33 -2.95 -0.71 -4.21
CA LEU C 34 -4.12 -4.26 -3.30
CA ILE C 35 -6.41 -4.33 -0.23
CA ALA C 36 -9.49 -6.08 1.22
CA MET C 37 -13.03 -4.71 0.72
CA GLU C 38 -14.93 -6.68 3.39
CA PRO C 39 -14.01 -8.02 6.85
CA ALA C 40 -12.14 -11.35 6.60
CA TRP C 41 -9.61 -13.21 8.77
CA ILE C 42 -6.22 -14.16 7.27
CA LYS C 43 -4.26 -17.26 8.33
CA SER C 44 -0.51 -17.71 8.98
CA ASN C 45 -0.11 -20.34 6.23
CA GLN C 46 -2.14 -18.31 3.69
CA ILE C 47 -0.10 -15.12 4.24
CA GLU C 48 3.27 -16.85 3.72
CA ALA C 49 2.19 -18.51 0.45
CA CYS C 50 0.77 -15.29 -1.05
CA ARG C 51 3.89 -13.22 -0.22
CA ILE C 52 6.23 -15.75 -1.88
CA VAL C 53 4.21 -15.88 -5.13
CA MET C 54 3.88 -12.08 -5.52
CA SER C 55 7.65 -11.58 -5.11
CA ARG C 56 9.06 -14.32 -7.37
CA HIS C 57 6.47 -14.53 -10.18
CA PHE C 58 6.01 -10.77 -10.72
CA ARG C 59 9.41 -9.11 -11.22
CA ARG C 60 13.12 -9.95 -11.64
CA GLY C 61 14.38 -8.42 -8.39
CA GLY C 62 12.14 -5.78 -6.81
CA LYS C 63 11.10 -4.77 -3.29
CA ILE C 64 8.15 -6.31 -1.41
CA TYR C 65 6.62 -5.46 1.98
CA ILE C 66 3.65 -6.63 4.08
CA ARG C 67 1.63 -4.38 6.40
CA ILE C 68 -0.69 -7.08 7.80
CA PHE C 69 1.02 -9.65 10.06
CA PRO C 70 0.12 -12.24 12.73
CA ASP C 71 -1.06 -10.61 15.97
CA LYS C 72 -3.89 -12.84 17.20
CA PRO C 73 -3.66 -16.57 18.00
CA VAL C 74 -6.21 -19.27 17.10
CA THR C 75 -6.60 -22.47 19.13
CA LYS C 76 -6.98 -25.78 17.24
CA LYS C 77 -8.19 -29.23 18.39
CA PRO C 78 -6.40 -32.61 18.35
CA ALA C 79 -7.35 -35.99 16.77
CA GLU C 80 -10.05 -36.85 19.34
CA THR C 81 -12.95 -34.55 20.23
CA ARG C 82 -13.97 -33.57 23.80
CA MET C 83 -11.00 -34.06 26.16
CA GLY C 84 -10.10 -30.57 27.36
CA LYS C 85 -10.48 -27.00 26.08
CA GLY C 86 -7.23 -25.29 25.06
CA LYS C 87 -4.39 -26.96 23.16
CA GLY C 88 -1.39 -25.86 21.07
CA ALA C 89 -1.65 -23.30 18.23
CA VAL C 90 -0.87 -24.33 14.65
CA GLU C 91 -2.11 -21.32 12.64
CA TYR C 92 -2.31 -17.71 13.84
CA TRP C 93 -5.17 -15.35 12.94
CA VAL C 94 -5.07 -11.71 11.77
CA SER C 95 -7.48 -8.75 11.91
CA VAL C 96 -8.19 -6.82 8.69
CA VAL C 97 -11.03 -4.65 7.36
CA LYS C 98 -9.68 -2.00 4.96
CA PRO C 99 -5.91 -2.38 5.51
CA GLY C 100 -3.41 -3.51 2.86
CA ARG C 101 -2.33 -7.17 2.82
CA VAL C 102 0.25 -7.01 0.02
CA MET C 103 2.30 -3.99 -1.09
CA PHE C 104 4.52 -3.74 -4.18
CA GLU C 105 6.14 -0.87 -6.11
CA VAL C 106 6.83 -2.27 -9.63
CA ALA C 107 6.80 -0.45 -13.02
CA GLY C 108 3.69 -1.88 -14.69
CA VAL C 109 3.10 -5.42 -13.37
CA THR C 110 0.64 -4.56 -10.56
CA GLU C 111 -2.35 -6.01 -12.47
CA GLU C 112 -0.70 -9.44 -12.95
CA GLN C 113 0.38 -9.72 -9.30
CA ALA C 114 -3.14 -8.93 -8.01
CA LYS C 115 -4.66 -11.95 -9.82
CA GLU C 116 -2.41 -14.50 -8.08
CA ALA C 117 -2.93 -12.95 -4.62
CA PHE C 118 -6.75 -12.97 -4.98
CA ARG C 119 -7.01 -16.78 -5.06
CA LEU C 120 -4.98 -17.14 -1.83
CA ALA C 121 -6.56 -14.21 0.05
CA GLY C 122 -9.74 -15.50 1.73
CA HIS C 123 -13.15 -14.18 0.69
CA LYS C 124 -12.85 -10.63 -0.70
CA LEU C 125 -10.00 -8.94 -2.61
CA PRO C 126 -9.89 -5.73 -4.67
CA ILE C 127 -7.26 -3.89 -6.73
CA GLN C 128 -6.73 -0.11 -6.70
CA THR C 129 -4.66 2.41 -8.68
CA LYS C 130 -2.47 5.16 -7.09
CA MET D 1 -17.22 24.73 -8.15
CA GLU D 2 -20.53 26.45 -7.38
CA LEU D 3 -22.69 26.42 -4.23
CA THR D 4 -26.48 26.87 -4.04
CA ALA D 5 -27.69 25.88 -0.55
CA LYS D 6 -26.19 25.09 2.87
CA PRO D 7 -27.74 22.89 5.58
CA ARG D 8 -26.76 21.99 9.17
CA THR D 9 -28.91 18.81 9.27
CA PRO D 10 -27.67 15.27 8.55
CA LYS D 11 -30.81 14.25 6.60
CA GLN D 12 -30.63 17.22 4.19
CA LYS D 13 -26.89 16.70 3.58
CA LEU D 14 -27.18 13.31 1.82
CA ASP D 15 -29.97 12.48 -0.65
CA GLU D 16 -28.54 11.00 -3.88
CA SER D 17 -25.30 12.68 -5.00
CA MET D 18 -24.85 15.50 -2.44
CA ILE D 19 -22.08 15.38 0.19
CA ALA D 20 -21.29 17.35 3.37
CA ALA D 21 -18.31 19.72 3.72
CA VAL D 22 -16.98 22.26 6.24
CA ALA D 23 -14.51 25.19 6.21
CA TYR D 24 -12.31 26.27 9.15
CA ASN D 25 -10.99 29.85 9.36
CA LYS D 26 -10.23 32.65 11.86
CA GLU D 27 -13.26 34.58 13.25
CA ASN D 28 -15.56 32.92 10.65
CA ASN D 29 -17.09 29.43 10.57
CA VAL D 30 -19.72 28.18 8.10
CA SER D 31 -20.84 24.90 6.52
CA PHE D 32 -20.80 24.17 2.76
CA ALA D 33 -22.39 21.69 0.34
CA LEU D 34 -20.81 20.12 -2.77
CA ASP D 35 -21.54 17.31 -5.26
CA ARG D 36 -19.69 13.96 -5.39
CA LYS D 37 -19.73 13.84 -9.22
CA ALA D 38 -18.14 17.29 -9.68
CA PHE D 39 -15.48 16.73 -6.98
CA ASP D 40 -14.33 13.45 -8.59
CA ARG D 41 -13.00 15.08 -11.79
CA ALA D 42 -11.44 18.08 -9.98
CA PHE D 43 -9.41 15.82 -7.63
CA ARG D 44 -7.60 14.09 -10.54
CA GLN D 45 -6.03 17.29 -11.94
CA GLN D 46 -5.28 19.13 -8.68
CA SER D 47 -4.80 17.60 -5.23
CA THR D 48 -3.58 20.49 -3.03
CA THR D 49 -1.09 22.45 -5.18
CA GLY D 50 -3.67 23.92 -7.57
CA LEU D 51 -6.13 26.41 -6.08
CA PHE D 52 -9.62 26.88 -7.56
CA ASP D 53 -12.08 29.76 -7.10
CA ILE D 54 -15.46 28.97 -5.51
CA THR D 55 -18.62 30.94 -6.38
CA VAL D 56 -21.34 31.71 -3.82
CA GLU D 57 -25.02 32.54 -4.40
CA GLY D 58 -25.09 36.30 -3.78
CA GLY D 59 -21.91 37.21 -1.91
CA GLU D 60 -18.10 37.22 -1.96
CA THR D 61 -15.79 34.69 -3.66
CA PHE D 62 -12.82 33.05 -1.90
CA PRO D 63 -10.34 30.27 -2.72
CA ALA D 64 -9.99 27.21 -0.46
CA LEU D 65 -7.56 24.26 -0.57
CA VAL D 66 -7.68 20.81 1.08
CA LYS D 67 -5.12 20.06 3.81
CA ALA D 68 -6.61 17.06 5.66
CA VAL D 69 -8.45 14.22 3.90
CA GLN D 70 -10.44 11.36 5.45
CA MET D 71 -10.94 7.98 3.73
CA ASP D 72 -13.77 5.44 4.05
CA LYS D 73 -13.69 1.93 5.58
CA ARG D 74 -15.57 0.26 2.68
CA LYS D 75 -15.45 2.34 -0.52
CA ARG D 76 -12.61 4.17 -2.31
CA ALA D 77 -14.48 7.51 -2.14
CA PRO D 78 -13.67 10.18 0.48
CA ILE D 79 -16.23 11.17 3.14
CA HIS D 80 -16.25 14.69 4.68
CA VAL D 81 -13.50 17.02 3.42
CA ASP D 82 -11.98 19.86 5.47
CA PHE D 83 -11.13 23.17 3.76
CA TYR D 84 -8.48 25.69 4.86
CA MET D 85 -10.36 30.67 3.25
CA VAL D 86 -7.19 32.63 2.45
CA THR D 87 -6.89 36.39 3.03
CA TYR D 88 -3.38 36.99 4.42
CA GLY D 89 0.00 36.28 2.80
CA GLU D 90 1.16 33.67 5.32
CA PRO D 91 0.67 29.88 5.38
CA VAL D 92 0.84 27.47 8.34
CA GLU D 93 1.18 24.02 6.75
CA VAL D 94 1.21 22.84 3.11
CA SER D 95 1.75 19.35 1.65
CA VAL D 96 3.73 19.02 -1.60
CA PRO D 97 3.94 15.87 -3.75
CA VAL D 98 7.26 14.68 -5.20
CA HIS D 99 7.40 13.55 -8.84
CA THR D 100 10.27 11.69 -10.53
CA THR D 101 11.21 12.45 -14.15
CA GLY D 102 14.05 10.81 -16.08
CA ARG D 103 15.87 7.45 -15.92
CA SER D 104 18.89 6.75 -13.70
CA GLN D 105 22.27 5.42 -14.89
CA GLY D 106 22.74 3.05 -11.94
CA GLU D 107 19.23 1.54 -12.20
CA VAL D 108 19.68 -0.21 -15.57
CA GLN D 109 23.27 -1.23 -14.69
CA GLY D 110 22.23 -4.22 -12.57
CA GLY D 111 19.33 -3.35 -10.30
CA LEU D 112 15.70 -2.17 -10.05
CA VAL D 113 13.52 0.93 -9.49
CA ASP D 114 13.95 3.24 -6.47
CA ILE D 115 11.30 3.15 -3.71
CA VAL D 116 10.21 6.23 -1.74
CA VAL D 117 9.60 6.28 2.03
CA HIS D 118 7.47 9.46 2.13
CA ASN D 119 5.49 11.08 -0.69
CA LEU D 120 4.18 14.16 1.17
CA GLN D 121 6.72 16.55 2.73
CA ILE D 122 6.36 19.67 4.91
CA VAL D 123 7.33 22.98 3.27
CA ALA D 124 6.62 26.66 4.05
CA PRO D 125 5.19 29.05 1.44
CA GLY D 126 5.99 32.73 0.80
CA PRO D 127 3.40 35.26 -0.37
CA ARG D 128 0.37 33.50 -1.97
CA ARG D 129 2.67 31.34 -4.16
CA ILE D 130 3.07 27.55 -3.97
CA PRO D 131 5.26 25.04 -5.85
CA GLN D 132 3.70 22.21 -7.88
CA GLU D 133 6.72 20.39 -9.38
CA LEU D 134 10.05 19.89 -7.60
CA VAL D 135 13.26 18.13 -8.73
CA VAL D 136 14.95 15.63 -6.40
CA ASP D 137 17.03 13.35 -8.64
CA VAL D 138 19.38 14.59 -11.38
CA THR D 139 22.55 12.45 -11.60
CA LYS D 140 24.29 9.47 -9.93
CA MET D 141 22.24 6.74 -8.19
CA ASN D 142 24.41 3.70 -7.35
CA ILE D 143 24.62 1.19 -4.44
CA GLY D 144 25.81 2.78 -1.20
CA ASP D 145 24.83 6.37 -2.02
CA HIS D 146 21.59 8.01 -0.81
CA ILE D 147 19.76 11.29 -1.51
CA THR D 148 19.30 13.79 1.35
CA ALA D 149 16.73 16.56 2.00
CA GLY D 150 19.36 19.33 1.95
CA ASP D 151 20.46 18.51 -1.61
CA ILE D 152 17.12 19.60 -3.14
CA LYS D 153 16.59 23.06 -4.67
CA LEU D 154 13.94 25.66 -3.78
CA PRO D 155 12.58 28.69 -5.69
CA GLU D 156 10.82 30.74 -2.98
CA GLY D 157 10.32 30.36 0.77
CA CYS D 158 12.93 28.90 3.14
CA THR D 159 12.11 25.82 5.25
CA LEU D 160 13.32 25.37 8.83
CA ALA D 161 11.02 22.52 9.94
CA ALA D 162 12.73 19.89 7.76
CA ASP D 163 15.84 17.99 8.92
CA PRO D 164 19.09 17.44 6.97
CA GLU D 165 19.54 13.90 8.38
CA LEU D 166 16.22 12.66 6.95
CA THR D 167 16.03 11.05 3.49
CA VAL D 168 13.14 11.16 0.99
CA VAL D 169 14.45 8.86 -1.77
CA SER D 170 16.70 5.83 -1.18
CA VAL D 171 18.17 3.25 -3.57
CA LEU D 172 17.96 -0.46 -2.66
CA PRO D 173 20.21 -3.30 -3.84
CA PRO D 174 19.92 -7.13 -3.77
CA ARG D 175 18.72 -9.04 -0.68
CA LEU D 176 20.97 -12.11 -0.98
CA THR D 177 23.99 -11.42 -3.24
CA ALA D 178 23.60 -10.65 -6.97
CA GLU D 179 22.41 -13.67 -8.99
CA GLU D 180 21.18 -15.89 -6.13
CA LEU D 181 17.51 -15.39 -7.11
CA GLU D 182 17.76 -17.77 -10.09
CA ALA D 183 19.19 -20.60 -7.95
CA GLU D 184 16.29 -20.52 -5.47
CA VAL D 185 13.62 -20.61 -8.21
CA GLN D 186 15.11 -23.71 -9.91
CA ALA D 187 15.14 -25.71 -6.64
CA ALA D 188 11.46 -24.93 -5.94
CA GLN D 189 10.33 -25.98 -9.44
CA VAL D 190 11.95 -29.43 -9.21
CA ALA D 191 10.64 -30.17 -5.69
CA GLY D 192 7.04 -29.17 -6.48
CA LEU D 193 6.56 -31.61 -9.38
CA VAL D 194 7.93 -34.52 -7.29
CA ALA D 195 5.58 -33.81 -4.36
CA ALA D 196 2.57 -33.61 -6.73
CA GLY D 197 2.20 -37.40 -6.96
CA GLU D 198 4.65 -40.20 -6.17
CA LEU D 199 8.07 -38.91 -7.36
CA SER D 200 8.86 -37.75 -10.93
CA GLU D 201 12.27 -39.50 -10.95
CA GLU D 202 10.90 -42.86 -9.73
CA ALA D 203 7.64 -43.11 -11.72
CA ALA D 204 9.38 -44.43 -14.86
CA GLU D 205 11.15 -47.28 -13.03
CA ALA D 206 8.13 -48.42 -10.98
CA VAL D 207 5.45 -48.63 -13.70
CA LEU D 208 7.09 -50.08 -16.84
CA GLU D 209 10.85 -50.64 -17.34
CA GLY D 210 11.64 -54.16 -16.15
CA ASP D 211 10.55 -57.12 -14.02
CA ALA D 212 13.12 -57.03 -11.20
CA SER D 213 11.98 -53.60 -9.93
CA LEU D 214 9.77 -53.33 -6.83
CA GLU D 215 8.97 -49.65 -6.10
CA GLU D 216 11.97 -47.41 -5.25
CA VAL D 217 15.28 -47.49 -7.16
CA LYS D 218 16.40 -43.94 -8.04
CA ALA D 219 14.58 -42.05 -5.24
CA GLU D 220 16.46 -39.17 -3.50
CA ALA D 221 19.75 -39.60 -5.40
CA SER D 222 22.37 -36.95 -6.21
CA GLU D 223 23.35 -36.21 -9.82
#